data_4KM6
#
_entry.id   4KM6
#
_cell.length_a   36.519
_cell.length_b   63.339
_cell.length_c   71.169
_cell.angle_alpha   90.00
_cell.angle_beta   90.00
_cell.angle_gamma   90.00
#
_symmetry.space_group_name_H-M   'P 21 21 21'
#
loop_
_entity.id
_entity.type
_entity.pdbx_description
1 polymer 'Folate receptor alpha'
2 non-polymer 'CALCIUM ION'
3 non-polymer 2-acetamido-2-deoxy-beta-D-glucopyranose
4 water water
#
_entity_poly.entity_id   1
_entity_poly.type   'polypeptide(L)'
_entity_poly.pdbx_seq_one_letter_code
;GSSRTELLNVCMNAKHHKEKPGPEDKLHEQCRPWRKNACCSTNTSQEAHKDVSYLYRFNWNHCGEMAPACKRHFIQDTCL
YECSPNLGPWIQQVDQSWRKERVLNVPLCKEDCEQWWEDCRTSYTCKSNWHKGWNWTSGFNKCAVGAACQPFHFYFPTPT
VLCNEIWTHSYKVSNYSRGSGRCIQMWFDPAQGNPNEEVARFYAAAMS
;
_entity_poly.pdbx_strand_id   A
#
loop_
_chem_comp.id
_chem_comp.type
_chem_comp.name
_chem_comp.formula
CA non-polymer 'CALCIUM ION' 'Ca 2'
NAG D-saccharide, beta linking 2-acetamido-2-deoxy-beta-D-glucopyranose 'C8 H15 N O6'
#
# COMPACT_ATOMS: atom_id res chain seq x y z
N ARG A 4 8.28 -7.80 18.75
CA ARG A 4 7.96 -8.52 17.53
C ARG A 4 7.54 -9.94 17.85
N THR A 5 6.22 -10.17 17.88
CA THR A 5 5.68 -11.47 18.27
C THR A 5 4.86 -12.13 17.14
N GLU A 6 3.56 -11.85 17.13
CA GLU A 6 2.64 -12.41 16.14
C GLU A 6 2.95 -11.85 14.75
N LEU A 7 3.19 -12.73 13.77
CA LEU A 7 3.52 -12.27 12.42
C LEU A 7 2.44 -12.67 11.41
N LEU A 8 1.63 -13.66 11.76
CA LEU A 8 0.63 -14.18 10.83
C LEU A 8 -0.77 -13.67 11.15
N ASN A 9 -1.51 -13.27 10.11
CA ASN A 9 -2.90 -12.83 10.27
C ASN A 9 -3.05 -11.74 11.31
N VAL A 10 -2.31 -10.66 11.11
CA VAL A 10 -2.26 -9.60 12.11
C VAL A 10 -2.23 -8.25 11.41
N CYS A 11 -2.65 -7.21 12.14
CA CYS A 11 -2.77 -5.86 11.61
C CYS A 11 -2.15 -4.91 12.61
N MET A 12 -1.81 -3.71 12.14
CA MET A 12 -1.48 -2.61 13.02
C MET A 12 -2.50 -1.53 12.77
N ASN A 13 -3.20 -1.08 13.82
CA ASN A 13 -4.24 -0.07 13.63
C ASN A 13 -3.72 1.37 13.66
N ALA A 14 -4.61 2.34 13.49
CA ALA A 14 -4.23 3.74 13.42
C ALA A 14 -3.71 4.30 14.74
N LYS A 15 -3.99 3.58 15.83
CA LYS A 15 -3.46 3.96 17.15
C LYS A 15 -2.15 3.19 17.42
N HIS A 16 -1.69 2.46 16.40
CA HIS A 16 -0.44 1.70 16.46
C HIS A 16 -0.43 0.63 17.56
N HIS A 17 -1.56 -0.06 17.69
CA HIS A 17 -1.65 -1.30 18.44
C HIS A 17 -1.91 -2.44 17.47
N LYS A 18 -1.35 -3.60 17.75
CA LYS A 18 -1.67 -4.76 16.92
C LYS A 18 -3.11 -5.21 17.15
N GLU A 19 -3.74 -5.71 16.10
CA GLU A 19 -5.12 -6.16 16.16
C GLU A 19 -5.27 -7.36 15.25
N LYS A 20 -6.35 -8.10 15.43
CA LYS A 20 -6.65 -9.19 14.50
C LYS A 20 -7.58 -8.64 13.42
N PRO A 21 -7.52 -9.23 12.22
CA PRO A 21 -8.41 -8.77 11.14
C PRO A 21 -9.87 -9.14 11.37
N GLY A 22 -10.72 -8.62 10.50
CA GLY A 22 -12.15 -8.86 10.59
C GLY A 22 -12.85 -8.54 9.29
N PRO A 23 -14.19 -8.58 9.30
CA PRO A 23 -14.94 -8.24 8.08
C PRO A 23 -14.64 -6.80 7.66
N GLU A 24 -14.45 -6.61 6.36
CA GLU A 24 -14.05 -5.32 5.81
C GLU A 24 -15.06 -4.23 6.14
N ASP A 25 -14.59 -3.01 6.38
CA ASP A 25 -15.51 -1.90 6.65
C ASP A 25 -16.10 -1.29 5.37
N LYS A 26 -17.15 -0.49 5.52
CA LYS A 26 -17.83 0.09 4.36
C LYS A 26 -16.99 1.08 3.55
N LEU A 27 -16.15 1.87 4.22
CA LEU A 27 -15.26 2.79 3.50
C LEU A 27 -14.38 2.08 2.48
N HIS A 28 -13.93 0.87 2.81
CA HIS A 28 -13.01 0.13 1.96
C HIS A 28 -13.74 -0.86 1.04
N GLU A 29 -15.01 -0.61 0.75
CA GLU A 29 -15.80 -1.51 -0.08
C GLU A 29 -15.15 -1.87 -1.44
N GLN A 30 -14.44 -0.91 -2.03
CA GLN A 30 -13.82 -1.15 -3.33
C GLN A 30 -12.61 -2.08 -3.22
N CYS A 31 -12.10 -2.27 -2.00
CA CYS A 31 -10.98 -3.18 -1.75
C CYS A 31 -11.50 -4.62 -1.69
N ARG A 32 -12.05 -5.07 -2.81
CA ARG A 32 -12.80 -6.32 -2.89
C ARG A 32 -12.07 -7.61 -2.46
N PRO A 33 -10.74 -7.71 -2.71
CA PRO A 33 -10.12 -8.98 -2.35
C PRO A 33 -10.13 -9.29 -0.84
N TRP A 34 -10.29 -8.26 -0.02
CA TRP A 34 -10.16 -8.43 1.44
C TRP A 34 -11.49 -8.41 2.15
N ARG A 35 -12.58 -8.50 1.40
CA ARG A 35 -13.94 -8.41 1.95
C ARG A 35 -14.16 -9.26 3.21
N LYS A 36 -13.56 -10.45 3.23
CA LYS A 36 -13.88 -11.41 4.28
C LYS A 36 -12.90 -11.40 5.45
N ASN A 37 -11.69 -10.94 5.21
CA ASN A 37 -10.66 -10.96 6.23
C ASN A 37 -9.71 -9.80 5.98
N ALA A 38 -9.91 -8.71 6.73
CA ALA A 38 -9.26 -7.45 6.41
C ALA A 38 -8.77 -6.75 7.66
N CYS A 39 -7.69 -5.98 7.52
CA CYS A 39 -7.24 -5.09 8.59
C CYS A 39 -7.97 -3.77 8.53
N CYS A 40 -8.74 -3.55 7.47
CA CYS A 40 -9.55 -2.34 7.33
C CYS A 40 -10.96 -2.77 7.70
N SER A 41 -11.15 -3.05 8.98
CA SER A 41 -12.27 -3.85 9.45
C SER A 41 -13.23 -3.05 10.30
N THR A 42 -14.42 -3.61 10.47
CA THR A 42 -15.41 -3.06 11.39
C THR A 42 -14.92 -3.21 12.83
N ASN A 43 -15.52 -2.44 13.73
CA ASN A 43 -15.13 -2.49 15.14
C ASN A 43 -16.24 -3.00 16.03
N THR A 44 -15.87 -3.85 16.99
CA THR A 44 -16.84 -4.45 17.88
C THR A 44 -17.25 -3.51 19.01
N SER A 45 -16.44 -2.48 19.26
CA SER A 45 -16.74 -1.50 20.30
C SER A 45 -16.92 -0.11 19.68
N GLN A 46 -17.41 0.83 20.48
CA GLN A 46 -17.66 2.20 20.00
C GLN A 46 -16.37 3.02 19.92
N GLU A 47 -15.37 2.48 19.23
CA GLU A 47 -14.14 3.22 18.98
C GLU A 47 -14.47 4.45 18.15
N ALA A 48 -13.84 5.58 18.47
CA ALA A 48 -14.05 6.82 17.75
C ALA A 48 -13.80 6.66 16.25
N HIS A 49 -14.74 7.13 15.46
CA HIS A 49 -14.63 7.01 14.01
C HIS A 49 -13.78 8.12 13.43
N LYS A 50 -12.61 7.75 12.93
CA LYS A 50 -11.79 8.67 12.16
C LYS A 50 -11.12 7.89 11.03
N ASP A 51 -11.55 8.17 9.80
CA ASP A 51 -10.96 7.53 8.64
C ASP A 51 -9.55 8.08 8.44
N VAL A 52 -8.55 7.20 8.39
CA VAL A 52 -7.20 7.64 8.06
C VAL A 52 -6.82 7.11 6.68
N SER A 53 -7.79 6.53 5.98
CA SER A 53 -7.55 5.96 4.66
C SER A 53 -7.08 7.01 3.66
N TYR A 54 -6.25 6.59 2.71
CA TYR A 54 -5.86 7.45 1.59
C TYR A 54 -6.91 7.43 0.49
N LEU A 55 -7.83 6.46 0.52
CA LEU A 55 -8.80 6.30 -0.58
C LEU A 55 -9.60 7.56 -0.95
N TYR A 56 -10.03 8.31 0.05
CA TYR A 56 -10.78 9.52 -0.21
C TYR A 56 -10.04 10.73 0.35
N ARG A 57 -8.73 10.60 0.49
CA ARG A 57 -7.92 11.64 1.09
C ARG A 57 -6.73 12.05 0.22
N PHE A 58 -6.03 11.07 -0.32
CA PHE A 58 -4.83 11.38 -1.10
C PHE A 58 -5.18 11.87 -2.49
N ASN A 59 -4.49 12.93 -2.92
CA ASN A 59 -4.75 13.55 -4.20
C ASN A 59 -3.85 12.94 -5.27
N TRP A 60 -4.37 11.93 -5.95
CA TRP A 60 -3.66 11.29 -7.05
C TRP A 60 -3.43 12.25 -8.20
N ASN A 61 -4.27 13.26 -8.29
CA ASN A 61 -4.20 14.23 -9.37
C ASN A 61 -3.45 15.51 -9.03
N HIS A 62 -2.41 15.38 -8.22
CA HIS A 62 -1.64 16.55 -7.80
C HIS A 62 -0.92 17.24 -8.97
N CYS A 63 -0.62 16.50 -10.03
CA CYS A 63 -0.04 17.10 -11.23
C CYS A 63 -0.93 16.98 -12.45
N GLY A 64 -2.24 17.11 -12.26
CA GLY A 64 -3.17 17.01 -13.38
C GLY A 64 -3.82 15.64 -13.31
N GLU A 65 -4.64 15.30 -14.30
CA GLU A 65 -5.36 14.03 -14.28
C GLU A 65 -4.40 12.84 -14.35
N MET A 66 -4.43 12.00 -13.33
CA MET A 66 -3.70 10.75 -13.38
C MET A 66 -4.46 9.83 -14.32
N ALA A 67 -3.76 9.12 -15.20
CA ALA A 67 -4.41 8.21 -16.13
C ALA A 67 -5.12 7.13 -15.33
N PRO A 68 -6.32 6.73 -15.77
CA PRO A 68 -7.09 5.74 -15.03
C PRO A 68 -6.32 4.45 -14.81
N ALA A 69 -5.48 4.04 -15.75
CA ALA A 69 -4.72 2.80 -15.55
C ALA A 69 -3.71 2.91 -14.44
N CYS A 70 -3.16 4.10 -14.26
CA CYS A 70 -2.21 4.37 -13.20
C CYS A 70 -2.97 4.42 -11.87
N LYS A 71 -4.12 5.10 -11.87
CA LYS A 71 -4.91 5.20 -10.65
C LYS A 71 -5.29 3.83 -10.13
N ARG A 72 -5.66 2.92 -11.02
CA ARG A 72 -6.05 1.57 -10.61
C ARG A 72 -4.96 0.93 -9.77
N HIS A 73 -3.70 1.06 -10.20
CA HIS A 73 -2.59 0.53 -9.39
C HIS A 73 -2.48 1.18 -8.02
N PHE A 74 -2.69 2.49 -7.97
CA PHE A 74 -2.63 3.20 -6.71
C PHE A 74 -3.75 2.81 -5.75
N ILE A 75 -4.91 2.46 -6.31
CA ILE A 75 -6.00 1.93 -5.50
C ILE A 75 -5.60 0.56 -4.93
N GLN A 76 -4.99 -0.27 -5.76
CA GLN A 76 -4.57 -1.61 -5.32
C GLN A 76 -3.55 -1.48 -4.20
N ASP A 77 -2.60 -0.58 -4.41
CA ASP A 77 -1.52 -0.28 -3.45
C ASP A 77 -2.09 0.16 -2.10
N THR A 78 -3.03 1.10 -2.14
CA THR A 78 -3.68 1.63 -0.96
C THR A 78 -4.45 0.54 -0.24
N CYS A 79 -5.21 -0.24 -1.00
CA CYS A 79 -5.97 -1.35 -0.44
C CYS A 79 -5.07 -2.40 0.24
N LEU A 80 -3.96 -2.76 -0.39
CA LEU A 80 -3.04 -3.73 0.21
C LEU A 80 -2.51 -3.19 1.55
N TYR A 81 -2.01 -1.96 1.53
CA TYR A 81 -1.48 -1.36 2.75
C TYR A 81 -2.53 -1.32 3.86
N GLU A 82 -3.74 -0.89 3.53
CA GLU A 82 -4.74 -0.65 4.57
C GLU A 82 -5.49 -1.91 4.99
N CYS A 83 -5.53 -2.91 4.13
CA CYS A 83 -6.38 -4.07 4.40
C CYS A 83 -5.66 -5.40 4.57
N SER A 84 -4.43 -5.53 4.06
CA SER A 84 -3.80 -6.85 4.11
C SER A 84 -3.49 -7.34 5.52
N PRO A 85 -3.93 -8.57 5.87
CA PRO A 85 -3.50 -9.13 7.15
C PRO A 85 -2.26 -10.03 7.00
N ASN A 86 -1.58 -9.89 5.87
CA ASN A 86 -0.44 -10.76 5.56
C ASN A 86 0.87 -9.99 5.41
N LEU A 87 0.98 -8.80 6.03
CA LEU A 87 2.20 -8.01 5.99
C LEU A 87 2.99 -8.08 7.30
N GLY A 88 2.50 -8.87 8.26
CA GLY A 88 3.13 -8.99 9.56
C GLY A 88 4.63 -9.19 9.58
N PRO A 89 5.15 -10.06 8.70
CA PRO A 89 6.61 -10.27 8.70
C PRO A 89 7.43 -9.02 8.40
N TRP A 90 6.80 -7.97 7.86
CA TRP A 90 7.53 -6.76 7.44
C TRP A 90 7.19 -5.53 8.27
N ILE A 91 6.39 -5.72 9.30
CA ILE A 91 5.97 -4.62 10.13
C ILE A 91 7.14 -4.19 11.03
N GLN A 92 7.46 -2.90 11.00
CA GLN A 92 8.45 -2.35 11.92
C GLN A 92 7.71 -1.70 13.07
N GLN A 93 7.64 -2.41 14.18
CA GLN A 93 6.78 -1.91 15.24
C GLN A 93 7.29 -0.66 15.97
N VAL A 94 8.58 -0.34 15.84
CA VAL A 94 9.09 0.84 16.56
C VAL A 94 8.69 2.15 15.89
N ASP A 95 8.27 2.06 14.64
CA ASP A 95 7.93 3.25 13.88
C ASP A 95 6.42 3.48 13.89
N GLN A 96 6.01 4.54 14.57
CA GLN A 96 4.60 4.86 14.71
C GLN A 96 4.25 6.14 13.96
N SER A 97 5.02 6.43 12.91
CA SER A 97 4.87 7.69 12.18
C SER A 97 4.00 7.58 10.93
N TRP A 98 3.55 6.37 10.59
CA TRP A 98 2.67 6.22 9.43
C TRP A 98 1.22 6.20 9.87
N ARG A 99 0.29 6.27 8.91
CA ARG A 99 -1.11 6.36 9.28
C ARG A 99 -1.55 5.07 9.94
N LYS A 100 -0.98 3.96 9.49
CA LYS A 100 -1.13 2.68 10.19
C LYS A 100 0.23 2.02 10.35
N GLU A 101 0.40 0.80 9.86
CA GLU A 101 1.67 0.11 10.02
C GLU A 101 2.81 0.80 9.28
N ARG A 102 4.04 0.66 9.77
CA ARG A 102 5.19 0.94 8.92
C ARG A 102 5.67 -0.42 8.47
N VAL A 103 5.69 -0.65 7.15
CA VAL A 103 6.29 -1.89 6.63
C VAL A 103 7.59 -1.55 5.91
N LEU A 104 8.51 -2.50 5.92
CA LEU A 104 9.81 -2.33 5.29
C LEU A 104 10.15 -3.52 4.40
N ASN A 105 10.45 -3.22 3.14
CA ASN A 105 11.02 -4.18 2.21
C ASN A 105 10.09 -5.35 1.92
N VAL A 106 8.80 -5.06 1.81
CA VAL A 106 7.81 -6.06 1.41
C VAL A 106 8.16 -6.51 -0.01
N PRO A 107 8.30 -7.83 -0.23
CA PRO A 107 8.77 -8.35 -1.52
C PRO A 107 7.66 -8.37 -2.57
N LEU A 108 7.40 -7.21 -3.13
CA LEU A 108 6.38 -7.05 -4.16
C LEU A 108 6.71 -7.88 -5.41
N CYS A 109 5.72 -8.63 -5.91
CA CYS A 109 5.92 -9.41 -7.12
C CYS A 109 6.38 -8.56 -8.30
N LYS A 110 7.23 -9.17 -9.12
CA LYS A 110 7.85 -8.47 -10.23
C LYS A 110 6.80 -7.88 -11.16
N GLU A 111 5.76 -8.65 -11.47
CA GLU A 111 4.73 -8.18 -12.42
C GLU A 111 3.98 -6.98 -11.86
N ASP A 112 3.61 -7.03 -10.59
CA ASP A 112 2.88 -5.94 -9.97
C ASP A 112 3.64 -4.64 -10.09
N CYS A 113 4.95 -4.71 -9.89
CA CYS A 113 5.80 -3.54 -9.96
C CYS A 113 6.02 -3.03 -11.39
N GLU A 114 6.37 -3.94 -12.31
CA GLU A 114 6.69 -3.53 -13.67
C GLU A 114 5.48 -2.97 -14.39
N GLN A 115 4.30 -3.55 -14.15
CA GLN A 115 3.10 -3.10 -14.84
C GLN A 115 2.57 -1.78 -14.24
N TRP A 116 2.78 -1.58 -12.94
CA TRP A 116 2.45 -0.33 -12.28
C TRP A 116 3.27 0.77 -12.93
N TRP A 117 4.57 0.52 -13.09
CA TRP A 117 5.46 1.50 -13.70
C TRP A 117 5.06 1.84 -15.13
N GLU A 118 4.76 0.82 -15.92
CA GLU A 118 4.33 0.99 -17.29
C GLU A 118 3.05 1.79 -17.35
N ASP A 119 2.07 1.41 -16.54
CA ASP A 119 0.75 2.00 -16.67
C ASP A 119 0.71 3.46 -16.23
N CYS A 120 1.78 3.92 -15.58
CA CYS A 120 1.83 5.28 -15.08
C CYS A 120 2.68 6.18 -15.97
N ARG A 121 3.14 5.64 -17.10
CA ARG A 121 3.98 6.40 -18.03
C ARG A 121 3.41 7.76 -18.43
N THR A 122 2.10 7.84 -18.59
CA THR A 122 1.47 9.06 -19.14
C THR A 122 0.91 9.96 -18.04
N SER A 123 1.19 9.62 -16.78
CA SER A 123 0.80 10.44 -15.67
C SER A 123 1.98 11.27 -15.21
N TYR A 124 1.72 12.14 -14.24
CA TYR A 124 2.68 13.15 -13.84
C TYR A 124 2.78 13.22 -12.34
N THR A 125 3.95 13.59 -11.84
CA THR A 125 4.10 13.79 -10.39
C THR A 125 5.20 14.81 -10.15
N CYS A 126 5.38 15.21 -8.89
CA CYS A 126 6.30 16.29 -8.57
C CYS A 126 7.36 15.87 -7.55
N LYS A 127 7.35 14.58 -7.18
CA LYS A 127 8.34 14.09 -6.21
C LYS A 127 8.48 12.60 -6.30
N SER A 128 9.62 12.09 -5.84
CA SER A 128 9.86 10.65 -5.84
C SER A 128 9.49 9.97 -4.52
N ASN A 129 9.43 10.72 -3.41
CA ASN A 129 9.03 10.12 -2.14
C ASN A 129 7.69 10.70 -1.75
N TRP A 130 6.65 9.88 -1.79
CA TRP A 130 5.28 10.38 -1.56
C TRP A 130 4.81 10.33 -0.11
N HIS A 131 5.65 9.85 0.81
CA HIS A 131 5.26 9.78 2.21
C HIS A 131 5.33 11.16 2.88
N LYS A 132 6.28 11.98 2.45
CA LYS A 132 6.57 13.22 3.16
C LYS A 132 6.76 14.37 2.19
N GLY A 133 6.62 15.60 2.70
CA GLY A 133 6.95 16.76 1.90
C GLY A 133 5.84 17.39 1.09
N TRP A 134 4.60 16.95 1.27
CA TRP A 134 3.49 17.56 0.58
C TRP A 134 3.01 18.80 1.30
N ASN A 135 2.30 19.65 0.58
CA ASN A 135 1.63 20.78 1.20
C ASN A 135 0.19 20.35 1.45
N TRP A 136 -0.20 20.17 2.72
CA TRP A 136 -1.54 19.67 3.04
C TRP A 136 -2.50 20.77 3.51
N THR A 137 -2.14 22.03 3.36
CA THR A 137 -2.95 23.08 3.98
C THR A 137 -4.38 23.20 3.43
N SER A 138 -4.59 22.75 2.20
CA SER A 138 -5.92 22.84 1.60
C SER A 138 -6.82 21.68 2.07
N GLY A 139 -6.23 20.73 2.80
CA GLY A 139 -6.96 19.53 3.22
C GLY A 139 -6.49 18.30 2.45
N PHE A 140 -6.21 18.49 1.16
CA PHE A 140 -5.66 17.41 0.36
C PHE A 140 -4.22 17.80 0.02
N ASN A 141 -3.41 16.86 -0.42
CA ASN A 141 -2.00 17.15 -0.70
C ASN A 141 -1.80 17.84 -2.05
N LYS A 142 -1.00 18.90 -2.05
CA LYS A 142 -0.61 19.54 -3.30
C LYS A 142 0.91 19.62 -3.32
N CYS A 143 1.47 19.79 -4.51
CA CYS A 143 2.92 19.93 -4.63
C CYS A 143 3.39 21.19 -3.92
N ALA A 144 4.51 21.05 -3.22
CA ALA A 144 5.17 22.18 -2.57
C ALA A 144 5.66 23.18 -3.60
N VAL A 145 5.81 24.43 -3.18
CA VAL A 145 6.34 25.45 -4.07
C VAL A 145 7.74 25.07 -4.55
N GLY A 146 7.98 25.21 -5.85
CA GLY A 146 9.26 24.81 -6.43
C GLY A 146 9.38 23.36 -6.86
N ALA A 147 8.39 22.53 -6.52
CA ALA A 147 8.41 21.13 -6.91
C ALA A 147 7.75 20.92 -8.26
N ALA A 148 8.55 20.86 -9.32
CA ALA A 148 8.04 20.82 -10.69
C ALA A 148 7.32 19.52 -11.04
N CYS A 149 6.13 19.66 -11.62
CA CYS A 149 5.44 18.49 -12.19
C CYS A 149 6.19 18.00 -13.42
N GLN A 150 6.40 16.69 -13.49
CA GLN A 150 7.10 16.04 -14.59
C GLN A 150 6.43 14.70 -14.90
N PRO A 151 6.70 14.14 -16.09
CA PRO A 151 6.22 12.78 -16.34
C PRO A 151 6.65 11.79 -15.25
N PHE A 152 5.82 10.78 -14.99
CA PHE A 152 6.12 9.83 -13.93
C PHE A 152 7.53 9.25 -14.01
N HIS A 153 7.96 8.87 -15.22
CA HIS A 153 9.28 8.27 -15.37
C HIS A 153 10.45 9.25 -15.19
N PHE A 154 10.16 10.55 -15.06
CA PHE A 154 11.18 11.53 -14.71
C PHE A 154 11.61 11.27 -13.29
N TYR A 155 10.64 11.10 -12.40
CA TYR A 155 10.92 10.90 -10.98
C TYR A 155 11.15 9.42 -10.64
N PHE A 156 10.61 8.52 -11.45
CA PHE A 156 10.76 7.08 -11.26
C PHE A 156 11.27 6.42 -12.55
N PRO A 157 12.60 6.46 -12.77
CA PRO A 157 13.10 6.08 -14.10
C PRO A 157 13.02 4.57 -14.41
N THR A 158 12.89 3.73 -13.39
CA THR A 158 12.73 2.29 -13.61
C THR A 158 11.65 1.77 -12.67
N PRO A 159 11.10 0.57 -12.95
CA PRO A 159 10.13 0.01 -12.00
C PRO A 159 10.71 -0.14 -10.60
N THR A 160 11.98 -0.55 -10.50
CA THR A 160 12.59 -0.67 -9.17
C THR A 160 12.57 0.64 -8.38
N VAL A 161 12.91 1.76 -9.03
CA VAL A 161 12.87 3.05 -8.40
C VAL A 161 11.45 3.40 -7.94
N LEU A 162 10.45 3.16 -8.80
CA LEU A 162 9.06 3.43 -8.43
C LEU A 162 8.65 2.65 -7.19
N CYS A 163 8.75 1.34 -7.27
CA CYS A 163 8.19 0.53 -6.19
C CYS A 163 8.95 0.68 -4.89
N ASN A 164 10.27 0.82 -4.97
CA ASN A 164 11.08 0.89 -3.76
C ASN A 164 11.11 2.29 -3.14
N GLU A 165 11.05 3.34 -3.96
CA GLU A 165 11.23 4.69 -3.42
C GLU A 165 9.93 5.41 -3.10
N ILE A 166 8.85 5.09 -3.80
CA ILE A 166 7.63 5.89 -3.67
C ILE A 166 7.12 5.98 -2.23
N TRP A 167 7.19 4.85 -1.52
CA TRP A 167 6.83 4.82 -0.10
C TRP A 167 8.02 4.50 0.79
N THR A 168 9.18 5.07 0.45
CA THR A 168 10.37 5.03 1.31
C THR A 168 10.70 3.62 1.79
N HIS A 169 10.90 2.73 0.81
CA HIS A 169 11.31 1.35 1.07
C HIS A 169 10.25 0.49 1.75
N SER A 170 8.98 0.91 1.70
CA SER A 170 7.88 0.02 2.11
C SER A 170 7.89 -1.27 1.31
N TYR A 171 8.14 -1.14 0.01
CA TYR A 171 8.36 -2.31 -0.84
C TYR A 171 9.82 -2.45 -1.20
N LYS A 172 10.23 -3.69 -1.42
CA LYS A 172 11.50 -3.99 -2.11
C LYS A 172 11.11 -4.98 -3.17
N VAL A 173 11.00 -4.50 -4.42
CA VAL A 173 10.50 -5.39 -5.47
C VAL A 173 11.32 -6.67 -5.58
N SER A 174 10.61 -7.79 -5.71
CA SER A 174 11.22 -9.11 -5.74
C SER A 174 11.68 -9.48 -7.14
N ASN A 175 12.64 -10.39 -7.24
CA ASN A 175 12.95 -10.99 -8.53
C ASN A 175 11.97 -12.14 -8.81
N TYR A 176 11.15 -12.49 -7.81
CA TYR A 176 10.16 -13.55 -7.96
C TYR A 176 8.86 -13.01 -8.57
N SER A 177 8.09 -13.89 -9.21
CA SER A 177 6.86 -13.48 -9.88
C SER A 177 5.65 -14.11 -9.21
N ARG A 178 4.46 -13.64 -9.57
CA ARG A 178 3.23 -14.21 -9.04
C ARG A 178 3.21 -15.73 -9.22
N GLY A 179 2.62 -16.42 -8.25
CA GLY A 179 2.49 -17.87 -8.34
C GLY A 179 3.64 -18.64 -7.72
N SER A 180 4.70 -17.93 -7.32
CA SER A 180 5.89 -18.56 -6.76
C SER A 180 5.76 -18.84 -5.27
N GLY A 181 4.80 -18.17 -4.64
CA GLY A 181 4.64 -18.20 -3.19
C GLY A 181 5.76 -17.47 -2.47
N ARG A 182 6.47 -16.59 -3.19
CA ARG A 182 7.62 -15.92 -2.60
C ARG A 182 7.58 -14.41 -2.79
N CYS A 183 6.45 -13.91 -3.27
CA CYS A 183 6.28 -12.48 -3.37
C CYS A 183 4.83 -12.08 -3.10
N ILE A 184 4.66 -10.86 -2.62
CA ILE A 184 3.35 -10.31 -2.27
C ILE A 184 2.73 -9.65 -3.48
N GLN A 185 1.48 -10.01 -3.79
CA GLN A 185 0.79 -9.32 -4.86
C GLN A 185 -0.24 -8.33 -4.35
N MET A 186 -0.52 -7.31 -5.15
CA MET A 186 -1.31 -6.17 -4.71
C MET A 186 -2.81 -6.37 -4.88
N TRP A 187 -3.20 -7.44 -5.56
CA TRP A 187 -4.62 -7.73 -5.80
C TRP A 187 -4.73 -9.21 -6.12
N PHE A 188 -5.93 -9.77 -5.98
CA PHE A 188 -6.18 -11.17 -6.30
C PHE A 188 -7.67 -11.42 -6.36
N ASP A 189 -8.07 -12.57 -6.94
CA ASP A 189 -9.47 -12.99 -6.88
C ASP A 189 -9.61 -13.80 -5.61
N PRO A 190 -10.49 -13.37 -4.70
CA PRO A 190 -10.58 -14.07 -3.42
C PRO A 190 -11.26 -15.44 -3.54
N ALA A 191 -12.14 -15.62 -4.52
CA ALA A 191 -12.81 -16.91 -4.71
C ALA A 191 -11.84 -18.01 -5.13
N GLN A 192 -10.68 -17.59 -5.62
CA GLN A 192 -9.65 -18.52 -6.08
C GLN A 192 -8.55 -18.61 -5.02
N GLY A 193 -8.73 -17.85 -3.94
CA GLY A 193 -7.85 -17.92 -2.79
C GLY A 193 -6.90 -16.74 -2.66
N ASN A 194 -6.58 -16.39 -1.42
CA ASN A 194 -5.58 -15.35 -1.11
C ASN A 194 -4.16 -15.91 -1.11
N PRO A 195 -3.38 -15.56 -2.15
CA PRO A 195 -2.04 -16.09 -2.37
C PRO A 195 -1.00 -15.52 -1.41
N ASN A 196 -1.31 -14.39 -0.79
CA ASN A 196 -0.34 -13.80 0.13
C ASN A 196 -0.24 -14.47 1.48
N GLU A 197 -1.23 -15.30 1.82
CA GLU A 197 -1.18 -16.05 3.06
C GLU A 197 0.02 -17.00 3.08
N GLU A 198 0.22 -17.71 1.99
CA GLU A 198 1.37 -18.60 1.83
C GLU A 198 2.69 -17.84 1.88
N VAL A 199 2.69 -16.66 1.28
CA VAL A 199 3.89 -15.84 1.20
C VAL A 199 4.28 -15.37 2.59
N ALA A 200 3.31 -14.93 3.39
CA ALA A 200 3.62 -14.52 4.76
C ALA A 200 4.19 -15.70 5.55
N ARG A 201 3.62 -16.90 5.34
CA ARG A 201 4.11 -18.08 6.05
C ARG A 201 5.56 -18.34 5.68
N PHE A 202 5.88 -18.20 4.39
CA PHE A 202 7.24 -18.48 3.95
C PHE A 202 8.22 -17.53 4.65
N TYR A 203 7.91 -16.23 4.65
CA TYR A 203 8.86 -15.26 5.22
C TYR A 203 8.86 -15.22 6.74
N ALA A 204 7.74 -15.57 7.38
CA ALA A 204 7.72 -15.70 8.85
C ALA A 204 8.70 -16.79 9.29
N ALA A 205 8.85 -17.82 8.47
CA ALA A 205 9.75 -18.92 8.82
C ALA A 205 11.21 -18.53 8.57
N ALA A 206 11.42 -17.53 7.72
CA ALA A 206 12.77 -17.07 7.39
C ALA A 206 13.19 -15.78 8.12
N MET A 207 12.22 -14.95 8.47
CA MET A 207 12.52 -13.66 9.10
C MET A 207 12.24 -13.64 10.60
CA CA B . -3.16 -9.97 1.49
C1 NAG C . 0.83 25.62 0.75
C2 NAG C . 1.97 26.59 0.52
C3 NAG C . 1.51 27.97 0.99
C4 NAG C . 0.25 28.37 0.25
C5 NAG C . -0.83 27.29 0.29
C6 NAG C . -1.91 27.60 -0.74
C7 NAG C . 4.14 25.48 0.65
C8 NAG C . 5.27 25.04 1.54
N2 NAG C . 3.17 26.20 1.23
O3 NAG C . 2.54 28.90 0.74
O4 NAG C . -0.27 29.53 0.88
O5 NAG C . -0.29 26.01 -0.01
O6 NAG C . -2.86 26.56 -0.74
O7 NAG C . 4.15 25.18 -0.54
C1 NAG D . 16.06 -14.45 -7.07
C2 NAG D . 15.93 -15.83 -7.74
C3 NAG D . 16.22 -16.99 -6.80
C4 NAG D . 17.36 -16.72 -5.83
C5 NAG D . 17.29 -15.32 -5.25
C6 NAG D . 18.50 -15.02 -4.38
C7 NAG D . 14.31 -15.78 -9.55
C8 NAG D . 12.92 -16.09 -10.02
N2 NAG D . 14.58 -16.00 -8.26
O3 NAG D . 16.52 -18.15 -7.56
O4 NAG D . 17.29 -17.66 -4.78
O5 NAG D . 17.23 -14.36 -6.29
O6 NAG D . 19.61 -14.75 -5.21
O7 NAG D . 15.17 -15.37 -10.33
C1 NAG E . -12.80 1.89 14.30
C2 NAG E . -13.08 3.04 13.33
C3 NAG E . -11.82 3.46 12.58
C4 NAG E . -10.62 3.57 13.50
C5 NAG E . -10.50 2.33 14.38
C6 NAG E . -9.33 2.44 15.35
C7 NAG E . -15.10 3.45 12.02
C8 NAG E . -16.47 2.86 11.94
N2 NAG E . -14.12 2.64 12.39
O3 NAG E . -12.04 4.72 11.97
O4 NAG E . -9.45 3.73 12.73
O5 NAG E . -11.68 2.17 15.12
O6 NAG E . -9.44 3.66 16.06
O7 NAG E . -14.91 4.63 11.75
#